data_9HCM
#
_entry.id   9HCM
#
_cell.length_a   52.181
_cell.length_b   52.181
_cell.length_c   146.288
_cell.angle_alpha   90.00
_cell.angle_beta   90.00
_cell.angle_gamma   90.00
#
_symmetry.space_group_name_H-M   'P 41 21 2'
#
loop_
_entity.id
_entity.type
_entity.pdbx_description
1 polymer 'Telomeric repeat-binding factor 1'
2 non-polymer 1-[4-(trifluoromethyloxy)phenyl]thiourea
3 non-polymer 'DIMETHYL SULFOXIDE'
4 non-polymer 1,2-ETHANEDIOL
5 non-polymer 'CALCIUM ION'
6 water water
#
_entity_poly.entity_id   1
_entity_poly.type   'polypeptide(L)'
_entity_poly.pdbx_seq_one_letter_code
;SNAQVQVGAPEEEEEEEEDAGLVAEAEAVAAGWMLDFLCLSLCRAFRDGRSEDFRRTRNSAEAIIHGLSSLTACQLRTIY
ICQFLTRIAAGKTLDAQFENDERITPLESALMIWGSIEKEHDKLHEEIQNLIKIQAIAVCMENGNFKEAEEVFERIFGDP
NSHMPFKSKLLMIISQKDTFHSFFQHFSYNHMMEKIKSYVNYVLSEKSSTFLMKAAAKVVESKR
;
_entity_poly.pdbx_strand_id   A
#
loop_
_chem_comp.id
_chem_comp.type
_chem_comp.name
_chem_comp.formula
CA non-polymer 'CALCIUM ION' 'Ca 2'
DMS non-polymer 'DIMETHYL SULFOXIDE' 'C2 H6 O S'
EDO non-polymer 1,2-ETHANEDIOL 'C2 H6 O2'
LX7 non-polymer 1-[4-(trifluoromethyloxy)phenyl]thiourea 'C8 H7 F3 N2 O S'
#
# COMPACT_ATOMS: atom_id res chain seq x y z
N GLU A 16 -14.75 31.05 -26.69
CA GLU A 16 -14.31 29.92 -27.50
C GLU A 16 -13.02 29.29 -26.94
N GLU A 17 -11.96 30.09 -26.79
CA GLU A 17 -10.69 29.61 -26.23
C GLU A 17 -10.82 29.52 -24.70
N GLU A 18 -11.51 30.51 -24.09
CA GLU A 18 -11.78 30.57 -22.66
C GLU A 18 -12.83 29.52 -22.25
N ASP A 19 -13.72 29.12 -23.17
CA ASP A 19 -14.75 28.12 -22.93
C ASP A 19 -14.06 26.76 -22.75
N ALA A 20 -13.13 26.42 -23.64
CA ALA A 20 -12.35 25.18 -23.58
C ALA A 20 -11.52 25.12 -22.28
N GLY A 21 -11.05 26.27 -21.81
CA GLY A 21 -10.27 26.39 -20.59
C GLY A 21 -11.13 26.09 -19.37
N LEU A 22 -12.39 26.56 -19.38
CA LEU A 22 -13.34 26.29 -18.30
C LEU A 22 -13.66 24.80 -18.23
N VAL A 23 -13.86 24.18 -19.41
CA VAL A 23 -14.12 22.76 -19.59
C VAL A 23 -12.96 21.94 -19.04
N ALA A 24 -11.73 22.33 -19.40
CA ALA A 24 -10.54 21.60 -18.94
C ALA A 24 -10.37 21.70 -17.43
N GLU A 25 -10.72 22.86 -16.84
CA GLU A 25 -10.67 23.08 -15.39
C GLU A 25 -11.70 22.21 -14.69
N ALA A 26 -12.93 22.18 -15.20
CA ALA A 26 -14.03 21.35 -14.67
C ALA A 26 -13.65 19.86 -14.73
N GLU A 27 -13.06 19.40 -15.85
CA GLU A 27 -12.60 18.01 -15.97
C GLU A 27 -11.51 17.69 -14.94
N ALA A 28 -10.62 18.65 -14.60
CA ALA A 28 -9.58 18.43 -13.58
C ALA A 28 -10.23 18.33 -12.17
N VAL A 29 -11.23 19.18 -11.88
CA VAL A 29 -11.97 19.08 -10.61
C VAL A 29 -12.69 17.69 -10.53
N ALA A 30 -13.37 17.28 -11.62
CA ALA A 30 -14.06 15.97 -11.65
C ALA A 30 -13.10 14.80 -11.48
N ALA A 31 -11.89 14.90 -12.09
CA ALA A 31 -10.86 13.85 -11.97
C ALA A 31 -10.30 13.75 -10.57
N GLY A 32 -10.17 14.90 -9.91
CA GLY A 32 -9.74 14.97 -8.51
C GLY A 32 -10.73 14.28 -7.59
N TRP A 33 -12.02 14.42 -7.88
CA TRP A 33 -13.06 13.76 -7.09
C TRP A 33 -13.07 12.25 -7.31
N MET A 34 -12.89 11.82 -8.58
CA MET A 34 -12.85 10.40 -8.96
C MET A 34 -11.65 9.70 -8.31
N LEU A 35 -10.50 10.39 -8.27
CA LEU A 35 -9.29 9.86 -7.64
C LEU A 35 -9.52 9.61 -6.16
N ASP A 36 -10.05 10.61 -5.44
CA ASP A 36 -10.35 10.49 -4.02
C ASP A 36 -11.34 9.36 -3.74
N PHE A 37 -12.37 9.21 -4.58
CA PHE A 37 -13.35 8.12 -4.40
C PHE A 37 -12.68 6.74 -4.59
N LEU A 38 -11.88 6.60 -5.67
CA LEU A 38 -11.21 5.34 -6.00
C LEU A 38 -10.21 4.92 -4.92
N CYS A 39 -9.51 5.90 -4.33
N CYS A 39 -9.49 5.88 -4.27
CA CYS A 39 -8.53 5.69 -3.29
CA CYS A 39 -8.56 5.51 -3.19
C CYS A 39 -9.16 5.14 -1.99
C CYS A 39 -9.34 4.91 -2.05
N LEU A 40 -10.36 5.64 -1.60
CA LEU A 40 -11.17 5.18 -0.46
C LEU A 40 -11.80 3.84 -0.69
N SER A 41 -12.25 3.61 -1.93
CA SER A 41 -12.84 2.33 -2.32
C SER A 41 -11.72 1.23 -2.32
N LEU A 42 -10.51 1.57 -2.78
CA LEU A 42 -9.38 0.63 -2.79
C LEU A 42 -8.97 0.23 -1.36
N CYS A 43 -8.95 1.19 -0.46
CA CYS A 43 -8.59 0.91 0.93
C CYS A 43 -9.63 0.02 1.60
N ARG A 44 -10.90 0.27 1.32
CA ARG A 44 -11.97 -0.54 1.90
C ARG A 44 -11.90 -1.99 1.44
N ALA A 45 -11.58 -2.20 0.17
CA ALA A 45 -11.46 -3.55 -0.35
C ALA A 45 -10.31 -4.29 0.31
N PHE A 46 -9.19 -3.60 0.50
CA PHE A 46 -8.04 -4.21 1.13
C PHE A 46 -8.43 -4.63 2.52
N ARG A 47 -9.11 -3.75 3.22
CA ARG A 47 -9.55 -4.06 4.57
C ARG A 47 -10.52 -5.22 4.58
N ASP A 48 -11.42 -5.27 3.62
CA ASP A 48 -12.45 -6.31 3.62
C ASP A 48 -11.99 -7.61 2.97
N GLY A 49 -10.77 -7.63 2.47
CA GLY A 49 -10.24 -8.83 1.85
C GLY A 49 -10.80 -9.12 0.47
N ARG A 50 -11.43 -8.12 -0.15
CA ARG A 50 -11.97 -8.29 -1.49
C ARG A 50 -10.86 -8.08 -2.50
N SER A 51 -10.11 -9.13 -2.80
CA SER A 51 -8.97 -9.04 -3.71
C SER A 51 -9.29 -8.63 -5.13
N GLU A 52 -10.35 -9.18 -5.70
CA GLU A 52 -10.72 -8.88 -7.08
C GLU A 52 -11.18 -7.45 -7.24
N ASP A 53 -11.91 -6.95 -6.26
CA ASP A 53 -12.34 -5.56 -6.29
C ASP A 53 -11.13 -4.66 -6.15
N PHE A 54 -10.19 -5.05 -5.31
CA PHE A 54 -8.97 -4.28 -5.15
C PHE A 54 -8.25 -4.19 -6.48
N ARG A 55 -8.16 -5.32 -7.17
CA ARG A 55 -7.46 -5.35 -8.45
C ARG A 55 -8.12 -4.46 -9.47
N ARG A 56 -9.44 -4.52 -9.54
CA ARG A 56 -10.17 -3.73 -10.53
C ARG A 56 -10.19 -2.25 -10.18
N THR A 57 -10.26 -1.93 -8.89
CA THR A 57 -10.25 -0.53 -8.45
C THR A 57 -8.88 0.10 -8.66
N ARG A 58 -7.83 -0.68 -8.49
N ARG A 58 -7.83 -0.68 -8.46
CA ARG A 58 -6.48 -0.16 -8.68
CA ARG A 58 -6.48 -0.16 -8.68
C ARG A 58 -6.25 0.21 -10.12
C ARG A 58 -6.27 0.22 -10.12
N ASN A 59 -6.75 -0.61 -11.03
CA ASN A 59 -6.59 -0.32 -12.45
C ASN A 59 -7.30 0.96 -12.79
N SER A 60 -8.47 1.16 -12.21
CA SER A 60 -9.23 2.38 -12.47
C SER A 60 -8.54 3.60 -11.92
N ALA A 61 -7.99 3.49 -10.71
CA ALA A 61 -7.28 4.60 -10.10
C ALA A 61 -6.03 4.98 -10.90
N GLU A 62 -5.26 3.99 -11.33
CA GLU A 62 -4.08 4.27 -12.14
CA GLU A 62 -4.08 4.27 -12.14
C GLU A 62 -4.36 5.01 -13.47
N ALA A 63 -5.46 4.62 -14.10
CA ALA A 63 -5.83 5.28 -15.35
C ALA A 63 -6.22 6.73 -15.10
N ILE A 64 -7.01 6.98 -14.06
CA ILE A 64 -7.43 8.33 -13.73
C ILE A 64 -6.23 9.22 -13.45
N ILE A 65 -5.24 8.67 -12.76
CA ILE A 65 -4.03 9.42 -12.47
C ILE A 65 -3.30 9.82 -13.74
N HIS A 66 -3.24 8.92 -14.71
CA HIS A 66 -2.63 9.25 -15.99
C HIS A 66 -3.32 10.40 -16.73
N GLY A 67 -4.57 10.70 -16.35
CA GLY A 67 -5.36 11.78 -16.95
C GLY A 67 -5.35 13.07 -16.15
N LEU A 68 -4.55 13.13 -15.07
CA LEU A 68 -4.38 14.30 -14.20
C LEU A 68 -2.98 14.89 -14.39
N SER A 69 -2.82 16.21 -14.20
CA SER A 69 -1.49 16.82 -14.28
C SER A 69 -1.11 17.45 -12.93
N SER A 70 -2.03 18.20 -12.32
CA SER A 70 -1.77 18.83 -11.03
C SER A 70 -2.25 17.91 -9.93
N LEU A 71 -1.47 17.79 -8.87
CA LEU A 71 -1.86 16.97 -7.72
C LEU A 71 -1.59 17.78 -6.46
N THR A 72 -2.56 17.85 -5.54
CA THR A 72 -2.31 18.54 -4.26
C THR A 72 -1.48 17.61 -3.37
N ALA A 73 -0.89 18.15 -2.28
CA ALA A 73 -0.11 17.33 -1.35
C ALA A 73 -0.96 16.20 -0.74
N CYS A 74 -2.25 16.47 -0.48
CA CYS A 74 -3.17 15.47 0.07
CA CYS A 74 -3.14 15.47 0.07
C CYS A 74 -3.42 14.36 -0.93
N GLN A 75 -3.57 14.73 -2.22
CA GLN A 75 -3.80 13.74 -3.27
C GLN A 75 -2.55 12.88 -3.50
N LEU A 76 -1.37 13.49 -3.38
CA LEU A 76 -0.10 12.78 -3.54
C LEU A 76 0.11 11.78 -2.40
N ARG A 77 -0.12 12.21 -1.15
CA ARG A 77 -0.02 11.36 0.05
C ARG A 77 -0.98 10.18 -0.07
N THR A 78 -2.19 10.43 -0.58
CA THR A 78 -3.23 9.45 -0.84
C THR A 78 -2.81 8.44 -1.91
N ILE A 79 -2.16 8.90 -2.97
CA ILE A 79 -1.66 8.04 -4.03
C ILE A 79 -0.58 7.10 -3.45
N TYR A 80 0.31 7.65 -2.58
CA TYR A 80 1.36 6.86 -1.93
C TYR A 80 0.80 5.74 -1.09
N ILE A 81 -0.32 6.00 -0.37
CA ILE A 81 -0.96 4.99 0.47
C ILE A 81 -1.46 3.85 -0.39
N CYS A 82 -2.13 4.14 -1.50
CA CYS A 82 -2.59 3.12 -2.45
C CYS A 82 -1.47 2.29 -3.05
N GLN A 83 -0.31 2.90 -3.30
CA GLN A 83 0.83 2.16 -3.83
C GLN A 83 1.38 1.22 -2.78
N PHE A 84 1.41 1.66 -1.53
CA PHE A 84 1.87 0.83 -0.45
C PHE A 84 1.00 -0.40 -0.35
N LEU A 85 -0.31 -0.19 -0.41
CA LEU A 85 -1.24 -1.29 -0.30
C LEU A 85 -1.08 -2.26 -1.47
N THR A 86 -0.88 -1.73 -2.66
CA THR A 86 -0.71 -2.57 -3.84
C THR A 86 0.51 -3.48 -3.70
N ARG A 87 1.61 -2.94 -3.19
CA ARG A 87 2.83 -3.73 -3.01
C ARG A 87 2.69 -4.73 -1.89
N ILE A 88 1.98 -4.38 -0.83
CA ILE A 88 1.74 -5.31 0.27
C ILE A 88 0.92 -6.48 -0.24
N ALA A 89 -0.06 -6.19 -1.08
CA ALA A 89 -0.89 -7.24 -1.66
C ALA A 89 -0.08 -8.16 -2.55
N ALA A 90 0.98 -7.64 -3.17
CA ALA A 90 1.85 -8.47 -4.00
C ALA A 90 3.09 -8.87 -3.24
N GLY A 91 3.05 -8.79 -1.92
CA GLY A 91 4.20 -9.11 -1.11
C GLY A 91 4.80 -10.48 -1.31
N LYS A 92 3.95 -11.45 -1.60
CA LYS A 92 4.43 -12.82 -1.84
C LYS A 92 4.70 -13.06 -3.30
N THR A 93 4.42 -12.07 -4.16
CA THR A 93 4.68 -12.19 -5.59
C THR A 93 6.07 -11.67 -5.93
N LEU A 94 7.09 -12.49 -5.72
CA LEU A 94 8.47 -12.04 -5.95
C LEU A 94 8.84 -11.82 -7.40
N ASP A 95 7.95 -12.19 -8.32
CA ASP A 95 8.20 -11.96 -9.74
C ASP A 95 7.78 -10.57 -10.12
N ALA A 96 7.29 -9.81 -9.16
CA ALA A 96 6.83 -8.46 -9.43
C ALA A 96 7.93 -7.42 -9.28
N GLN A 97 8.08 -6.55 -10.26
CA GLN A 97 9.07 -5.50 -10.18
C GLN A 97 8.38 -4.16 -10.10
N PHE A 98 8.44 -3.53 -8.93
CA PHE A 98 7.78 -2.24 -8.74
C PHE A 98 8.77 -1.11 -8.86
N GLU A 99 10.05 -1.44 -8.84
CA GLU A 99 11.09 -0.43 -8.92
C GLU A 99 11.99 -0.68 -10.12
N ASN A 100 12.68 0.35 -10.56
CA ASN A 100 13.61 0.20 -11.68
C ASN A 100 14.70 -0.77 -11.32
N ASP A 101 15.14 -0.76 -10.07
CA ASP A 101 16.11 -1.76 -9.65
C ASP A 101 15.35 -3.05 -9.53
N GLU A 102 15.65 -4.01 -10.38
CA GLU A 102 14.92 -5.28 -10.38
C GLU A 102 15.22 -6.13 -9.16
N ARG A 103 16.20 -5.72 -8.37
CA ARG A 103 16.54 -6.46 -7.16
C ARG A 103 15.60 -6.15 -6.01
N ILE A 104 14.86 -5.05 -6.10
CA ILE A 104 14.00 -4.64 -4.99
C ILE A 104 12.71 -5.44 -4.91
N THR A 105 12.49 -6.11 -3.79
CA THR A 105 11.29 -6.91 -3.61
C THR A 105 10.09 -6.04 -3.31
N PRO A 106 8.89 -6.55 -3.58
CA PRO A 106 7.67 -5.78 -3.35
C PRO A 106 7.54 -5.26 -1.92
N LEU A 107 7.85 -6.09 -0.94
CA LEU A 107 7.78 -5.67 0.45
C LEU A 107 8.82 -4.60 0.75
N GLU A 108 9.97 -4.69 0.09
CA GLU A 108 11.00 -3.67 0.26
C GLU A 108 10.53 -2.36 -0.31
N SER A 109 9.86 -2.42 -1.45
CA SER A 109 9.34 -1.21 -2.06
C SER A 109 8.27 -0.59 -1.18
N ALA A 110 7.43 -1.42 -0.55
CA ALA A 110 6.41 -0.92 0.36
C ALA A 110 7.05 -0.25 1.58
N LEU A 111 8.13 -0.82 2.08
CA LEU A 111 8.82 -0.24 3.22
C LEU A 111 9.37 1.13 2.89
N MET A 112 9.87 1.28 1.67
CA MET A 112 10.39 2.56 1.24
C MET A 112 9.29 3.59 1.25
N ILE A 113 8.14 3.22 0.73
CA ILE A 113 7.01 4.13 0.74
C ILE A 113 6.55 4.40 2.17
N TRP A 114 6.44 3.35 2.97
CA TRP A 114 6.03 3.54 4.37
C TRP A 114 6.92 4.54 5.11
N GLY A 115 8.22 4.50 4.85
CA GLY A 115 9.16 5.44 5.47
C GLY A 115 9.19 6.83 4.83
N SER A 116 8.53 6.99 3.67
CA SER A 116 8.47 8.21 2.87
C SER A 116 7.17 8.98 3.03
N ILE A 117 6.06 8.30 3.37
CA ILE A 117 4.77 8.97 3.56
C ILE A 117 4.88 10.01 4.67
N GLU A 118 4.31 11.20 4.44
CA GLU A 118 4.28 12.26 5.44
C GLU A 118 3.12 11.89 6.38
N LYS A 119 3.43 11.17 7.46
CA LYS A 119 2.44 10.72 8.45
C LYS A 119 3.13 10.63 9.82
N GLU A 120 2.35 10.52 10.90
CA GLU A 120 2.94 10.42 12.24
C GLU A 120 3.64 9.10 12.45
N HIS A 121 4.76 9.14 13.17
CA HIS A 121 5.50 7.92 13.45
C HIS A 121 5.15 7.41 14.84
N ASP A 122 3.91 6.93 14.96
CA ASP A 122 3.41 6.37 16.22
C ASP A 122 3.92 4.92 16.41
N LYS A 123 3.57 4.28 17.54
CA LYS A 123 3.96 2.90 17.81
C LYS A 123 3.50 1.93 16.66
N LEU A 124 2.25 2.11 16.18
CA LEU A 124 1.69 1.31 15.09
C LEU A 124 2.53 1.42 13.83
N HIS A 125 2.99 2.66 13.52
CA HIS A 125 3.84 2.90 12.36
C HIS A 125 5.09 2.03 12.40
N GLU A 126 5.77 2.02 13.56
CA GLU A 126 7.01 1.27 13.74
C GLU A 126 6.79 -0.22 13.73
N GLU A 127 5.68 -0.67 14.32
CA GLU A 127 5.32 -2.07 14.33
C GLU A 127 5.08 -2.58 12.93
N ILE A 128 4.32 -1.83 12.11
CA ILE A 128 4.06 -2.17 10.70
C ILE A 128 5.40 -2.23 9.94
N GLN A 129 6.25 -1.24 10.17
CA GLN A 129 7.59 -1.18 9.58
C GLN A 129 8.42 -2.43 9.93
N ASN A 130 8.51 -2.78 11.22
CA ASN A 130 9.30 -3.93 11.66
C ASN A 130 8.76 -5.26 11.15
N LEU A 131 7.42 -5.40 11.05
CA LEU A 131 6.78 -6.61 10.54
C LEU A 131 7.05 -6.74 9.03
N ILE A 132 7.09 -5.62 8.28
CA ILE A 132 7.38 -5.67 6.84
C ILE A 132 8.84 -6.13 6.61
N LYS A 133 9.78 -5.63 7.45
CA LYS A 133 11.19 -6.03 7.38
C LYS A 133 11.34 -7.56 7.61
N ILE A 134 10.72 -8.10 8.67
CA ILE A 134 10.75 -9.54 8.95
C ILE A 134 10.19 -10.35 7.77
N GLN A 135 9.01 -9.95 7.26
CA GLN A 135 8.36 -10.64 6.15
C GLN A 135 9.08 -10.47 4.81
N ALA A 136 9.86 -9.41 4.64
CA ALA A 136 10.65 -9.24 3.42
C ALA A 136 11.66 -10.40 3.30
N ILE A 137 12.21 -10.83 4.43
CA ILE A 137 13.13 -11.94 4.52
C ILE A 137 12.39 -13.28 4.49
N ALA A 138 11.31 -13.43 5.28
CA ALA A 138 10.53 -14.65 5.35
C ALA A 138 9.96 -15.14 4.00
N VAL A 139 9.47 -14.24 3.12
CA VAL A 139 8.93 -14.67 1.83
C VAL A 139 10.03 -15.23 0.90
N CYS A 140 11.30 -14.79 1.08
CA CYS A 140 12.40 -15.32 0.28
C CYS A 140 12.75 -16.72 0.77
N MET A 141 12.86 -16.88 2.10
CA MET A 141 13.15 -18.17 2.74
C MET A 141 12.06 -19.19 2.37
N GLU A 142 10.79 -18.77 2.38
CA GLU A 142 9.66 -19.66 2.09
C GLU A 142 9.56 -20.11 0.61
N ASN A 143 10.38 -19.55 -0.26
CA ASN A 143 10.48 -20.00 -1.64
C ASN A 143 11.84 -20.67 -1.94
N GLY A 144 12.65 -20.94 -0.90
CA GLY A 144 13.97 -21.54 -1.04
C GLY A 144 15.03 -20.58 -1.56
N ASN A 145 14.69 -19.29 -1.72
CA ASN A 145 15.61 -18.29 -2.23
C ASN A 145 16.46 -17.72 -1.10
N PHE A 146 17.31 -18.57 -0.51
CA PHE A 146 18.14 -18.25 0.65
C PHE A 146 19.21 -17.18 0.38
N LYS A 147 19.79 -17.18 -0.84
CA LYS A 147 20.76 -16.16 -1.20
C LYS A 147 20.06 -14.80 -1.32
N GLU A 148 18.84 -14.77 -1.90
CA GLU A 148 18.08 -13.54 -2.04
C GLU A 148 17.67 -12.96 -0.67
N ALA A 149 17.40 -13.82 0.34
CA ALA A 149 17.06 -13.37 1.70
C ALA A 149 18.24 -12.61 2.32
N GLU A 150 19.47 -13.09 2.06
CA GLU A 150 20.72 -12.47 2.52
C GLU A 150 20.89 -11.08 1.87
N GLU A 151 20.52 -10.95 0.60
CA GLU A 151 20.61 -9.70 -0.12
C GLU A 151 19.56 -8.70 0.34
N VAL A 152 18.35 -9.19 0.65
CA VAL A 152 17.26 -8.36 1.18
C VAL A 152 17.70 -7.84 2.55
N PHE A 153 18.23 -8.74 3.39
CA PHE A 153 18.72 -8.46 4.73
C PHE A 153 19.76 -7.33 4.74
N GLU A 154 20.71 -7.36 3.79
CA GLU A 154 21.77 -6.35 3.72
C GLU A 154 21.22 -4.99 3.29
N ARG A 155 20.24 -4.99 2.36
CA ARG A 155 19.63 -3.73 1.89
C ARG A 155 18.71 -3.07 2.93
N ILE A 156 18.26 -3.82 3.95
CA ILE A 156 17.37 -3.29 4.99
C ILE A 156 18.16 -3.00 6.27
N PHE A 157 19.00 -3.93 6.70
CA PHE A 157 19.77 -3.81 7.93
C PHE A 157 21.22 -3.34 7.69
N GLY A 158 21.35 -2.08 7.29
N HIS A 163 18.38 -1.85 16.93
CA HIS A 163 17.84 -3.19 16.75
C HIS A 163 18.95 -4.20 16.45
N MET A 164 19.95 -4.30 17.34
CA MET A 164 21.05 -5.25 17.13
C MET A 164 20.64 -6.72 17.37
N PRO A 165 19.98 -7.09 18.50
CA PRO A 165 19.59 -8.51 18.68
C PRO A 165 18.52 -8.97 17.67
N PHE A 166 17.69 -8.02 17.19
CA PHE A 166 16.65 -8.25 16.21
C PHE A 166 17.31 -8.58 14.85
N LYS A 167 18.34 -7.80 14.49
CA LYS A 167 19.11 -7.96 13.26
C LYS A 167 19.91 -9.28 13.27
N SER A 168 20.54 -9.61 14.41
CA SER A 168 21.35 -10.83 14.49
C SER A 168 20.50 -12.12 14.52
N LYS A 169 19.23 -12.02 14.95
CA LYS A 169 18.33 -13.18 14.98
C LYS A 169 17.98 -13.59 13.56
N LEU A 170 17.67 -12.60 12.70
CA LEU A 170 17.30 -12.81 11.31
C LEU A 170 18.46 -13.39 10.49
N LEU A 171 19.68 -12.86 10.64
CA LEU A 171 20.85 -13.39 9.93
C LEU A 171 21.11 -14.85 10.29
N MET A 172 20.92 -15.21 11.57
CA MET A 172 21.06 -16.57 12.09
C MET A 172 20.10 -17.54 11.38
N ILE A 173 18.85 -17.11 11.14
CA ILE A 173 17.83 -17.89 10.45
C ILE A 173 18.19 -18.07 8.95
N ILE A 174 18.64 -16.98 8.30
CA ILE A 174 19.03 -17.01 6.88
C ILE A 174 20.17 -18.00 6.63
N SER A 175 21.25 -17.92 7.42
CA SER A 175 22.41 -18.79 7.29
C SER A 175 22.09 -20.27 7.54
N GLN A 176 21.22 -20.56 8.52
CA GLN A 176 20.84 -21.94 8.80
C GLN A 176 19.74 -22.48 7.86
N LYS A 177 19.19 -21.62 6.97
CA LYS A 177 18.15 -21.93 6.00
C LYS A 177 16.88 -22.49 6.64
N ASP A 178 16.56 -22.08 7.87
CA ASP A 178 15.35 -22.57 8.53
C ASP A 178 14.11 -21.78 8.09
N THR A 179 13.44 -22.29 7.04
CA THR A 179 12.36 -21.58 6.36
C THR A 179 11.10 -21.48 7.24
N PHE A 180 10.70 -22.59 7.88
CA PHE A 180 9.52 -22.61 8.74
C PHE A 180 9.91 -22.33 10.20
N HIS A 181 10.66 -21.24 10.41
CA HIS A 181 11.13 -20.84 11.74
C HIS A 181 10.01 -20.21 12.57
N SER A 182 9.95 -20.54 13.87
CA SER A 182 8.94 -20.08 14.82
C SER A 182 8.81 -18.55 14.90
N PHE A 183 9.94 -17.84 14.71
CA PHE A 183 9.98 -16.37 14.73
C PHE A 183 9.08 -15.81 13.63
N PHE A 184 9.08 -16.45 12.44
CA PHE A 184 8.27 -16.02 11.30
C PHE A 184 6.76 -16.29 11.43
N GLN A 185 6.37 -17.01 12.48
CA GLN A 185 4.98 -17.34 12.81
C GLN A 185 4.45 -16.38 13.89
N HIS A 186 5.35 -15.95 14.80
CA HIS A 186 5.04 -14.97 15.84
C HIS A 186 4.82 -13.58 15.20
N PHE A 187 5.62 -13.26 14.18
CA PHE A 187 5.56 -12.01 13.43
C PHE A 187 5.28 -12.44 12.01
N SER A 188 4.12 -13.05 11.83
CA SER A 188 3.66 -13.64 10.58
C SER A 188 3.12 -12.65 9.54
N TYR A 189 2.84 -13.16 8.33
CA TYR A 189 2.28 -12.40 7.23
C TYR A 189 0.88 -11.92 7.61
N ASN A 190 0.08 -12.79 8.25
CA ASN A 190 -1.28 -12.47 8.70
C ASN A 190 -1.22 -11.34 9.74
N HIS A 191 -0.24 -11.42 10.66
CA HIS A 191 -0.06 -10.44 11.72
CA HIS A 191 -0.04 -10.44 11.73
C HIS A 191 0.24 -9.07 11.10
N MET A 192 1.09 -9.05 10.06
CA MET A 192 1.47 -7.84 9.33
C MET A 192 0.23 -7.28 8.63
N MET A 193 -0.54 -8.15 7.97
CA MET A 193 -1.80 -7.79 7.30
C MET A 193 -2.82 -7.17 8.26
N GLU A 194 -3.05 -7.77 9.43
CA GLU A 194 -4.01 -7.27 10.41
C GLU A 194 -3.66 -5.88 10.92
N LYS A 195 -2.37 -5.63 11.24
CA LYS A 195 -1.92 -4.32 11.72
C LYS A 195 -2.05 -3.28 10.60
N ILE A 196 -1.77 -3.67 9.35
CA ILE A 196 -1.94 -2.77 8.22
C ILE A 196 -3.44 -2.46 8.04
N LYS A 197 -4.30 -3.47 8.20
CA LYS A 197 -5.76 -3.30 8.16
C LYS A 197 -6.25 -2.30 9.21
N SER A 198 -5.65 -2.30 10.41
CA SER A 198 -6.00 -1.35 11.49
C SER A 198 -5.69 0.07 11.05
N TYR A 199 -4.59 0.27 10.34
CA TYR A 199 -4.24 1.59 9.86
C TYR A 199 -5.20 2.06 8.79
N VAL A 200 -5.57 1.17 7.90
CA VAL A 200 -6.46 1.55 6.82
C VAL A 200 -7.81 1.97 7.38
N ASN A 201 -8.24 1.32 8.44
CA ASN A 201 -9.50 1.67 9.08
C ASN A 201 -9.49 3.08 9.56
N TYR A 202 -8.38 3.49 10.16
CA TYR A 202 -8.25 4.87 10.61
C TYR A 202 -8.28 5.79 9.42
N VAL A 203 -7.62 5.40 8.35
CA VAL A 203 -7.64 6.21 7.14
C VAL A 203 -9.03 6.24 6.55
N LEU A 204 -9.68 5.08 6.48
CA LEU A 204 -11.01 5.01 5.90
C LEU A 204 -11.97 5.92 6.62
N SER A 205 -11.74 6.12 7.91
CA SER A 205 -12.59 7.03 8.66
C SER A 205 -12.51 8.41 8.06
N GLU A 206 -11.29 8.86 7.75
CA GLU A 206 -11.12 10.22 7.25
C GLU A 206 -11.55 10.43 5.80
N LYS A 207 -11.62 9.35 5.03
CA LYS A 207 -11.98 9.47 3.61
C LYS A 207 -13.45 9.19 3.28
N SER A 208 -14.25 8.87 4.29
CA SER A 208 -15.66 8.65 4.06
C SER A 208 -16.37 9.97 3.86
N SER A 209 -15.62 11.06 3.92
CA SER A 209 -16.19 12.38 3.75
C SER A 209 -16.08 12.88 2.32
N THR A 210 -15.54 12.08 1.42
CA THR A 210 -15.32 12.54 0.05
C THR A 210 -16.62 12.93 -0.63
N PHE A 211 -16.55 13.86 -1.55
CA PHE A 211 -17.75 14.36 -2.23
C PHE A 211 -18.57 13.29 -2.94
N LEU A 212 -17.92 12.48 -3.77
CA LEU A 212 -18.65 11.49 -4.54
C LEU A 212 -19.36 10.48 -3.65
N MET A 213 -18.66 9.98 -2.64
CA MET A 213 -19.23 8.99 -1.75
C MET A 213 -20.42 9.57 -1.02
N LYS A 214 -20.26 10.78 -0.49
CA LYS A 214 -21.33 11.42 0.24
C LYS A 214 -22.56 11.59 -0.63
N ALA A 215 -22.37 12.09 -1.84
CA ALA A 215 -23.49 12.31 -2.75
C ALA A 215 -24.19 11.00 -3.11
N ALA A 216 -23.40 9.97 -3.41
CA ALA A 216 -23.98 8.68 -3.77
C ALA A 216 -24.73 8.08 -2.61
N ALA A 217 -24.17 8.20 -1.42
CA ALA A 217 -24.81 7.66 -0.24
C ALA A 217 -26.15 8.32 0.00
N LYS A 218 -26.24 9.63 -0.21
CA LYS A 218 -27.50 10.32 -0.04
C LYS A 218 -28.54 9.77 -0.99
N VAL A 219 -28.15 9.50 -2.23
CA VAL A 219 -29.08 8.94 -3.19
C VAL A 219 -29.58 7.59 -2.73
N VAL A 220 -28.68 6.77 -2.21
CA VAL A 220 -29.06 5.46 -1.75
C VAL A 220 -30.05 5.59 -0.63
N GLU A 221 -29.77 6.49 0.30
CA GLU A 221 -30.64 6.71 1.44
C GLU A 221 -31.97 7.29 1.00
N SER A 222 -31.96 8.15 -0.01
CA SER A 222 -33.19 8.75 -0.51
C SER A 222 -34.13 7.69 -1.05
N LYS A 223 -33.59 6.52 -1.38
CA LYS A 223 -34.40 5.45 -1.94
C LYS A 223 -34.65 4.35 -0.95
N ARG A 224 -34.32 4.57 0.32
CA ARG A 224 -34.46 3.53 1.31
C ARG A 224 -35.81 3.56 2.00
N1 LX7 B . 2.38 -0.37 -9.90
C4 LX7 B . -0.58 1.73 -7.78
C5 LX7 B . 0.23 2.30 -8.75
C6 LX7 B . 1.84 0.44 -9.00
C7 LX7 B . -3.78 4.62 -7.06
N LX7 B . 1.19 1.53 -9.45
C LX7 B . 0.14 3.67 -8.99
O LX7 B . -2.53 4.65 -6.64
C1 LX7 B . -0.76 4.44 -8.30
C2 LX7 B . -1.57 3.86 -7.33
C3 LX7 B . -1.48 2.50 -7.08
F LX7 B . -4.34 3.44 -6.88
F1 LX7 B . -4.51 5.51 -6.45
F2 LX7 B . -3.84 4.87 -8.36
S LX7 B . 1.97 0.14 -7.34
S DMS C . -6.67 -8.11 -0.37
O DMS C . -6.25 -7.59 0.99
C1 DMS C . -5.47 -7.61 -1.61
C2 DMS C . -7.94 -7.00 -0.98
C1 EDO D . 9.40 11.51 5.56
O1 EDO D . 10.61 12.26 5.49
C2 EDO D . 9.26 10.89 6.93
O2 EDO D . 8.00 11.25 7.49
CA CA E . 12.34 -12.50 -8.14
#